data_1Z31
#
_entry.id   1Z31
#
_cell.length_a   1.000
_cell.length_b   1.000
_cell.length_c   1.000
_cell.angle_alpha   90.00
_cell.angle_beta   90.00
_cell.angle_gamma   90.00
#
_symmetry.space_group_name_H-M   'P 1'
#
_entity_poly.entity_id   1
_entity_poly.type   'polyribonucleotide'
_entity_poly.pdbx_seq_one_letter_code
;GAGGUCGGCCCGACUUCGGUCACUGCCACCUC
;
_entity_poly.pdbx_strand_id   A
#
loop_
_chem_comp.id
_chem_comp.type
_chem_comp.name
_chem_comp.formula
A RNA linking ADENOSINE-5'-MONOPHOSPHATE 'C10 H14 N5 O7 P'
C RNA linking CYTIDINE-5'-MONOPHOSPHATE 'C9 H14 N3 O8 P'
G RNA linking GUANOSINE-5'-MONOPHOSPHATE 'C10 H14 N5 O8 P'
U RNA linking URIDINE-5'-MONOPHOSPHATE 'C9 H13 N2 O9 P'
#